data_1Z16
#
_entry.id   1Z16
#
_cell.length_a   87.650
_cell.length_b   87.650
_cell.length_c   94.040
_cell.angle_alpha   90.00
_cell.angle_beta   90.00
_cell.angle_gamma   120.00
#
_symmetry.space_group_name_H-M   'P 64'
#
loop_
_entity.id
_entity.type
_entity.pdbx_description
1 polymer 'Leu/Ile/Val-binding protein'
2 non-polymer 'CADMIUM ION'
3 non-polymer LEUCINE
4 water water
#
_entity_poly.entity_id   1
_entity_poly.type   'polypeptide(L)'
_entity_poly.pdbx_seq_one_letter_code
;EDIKVAVVGAMSGPVAQYGDQEFTGAEQAVADINAKGGIKGNKLQIVKYDDACDPKQAVAVANKVVNDGIKYVIGHLCSS
STQPASDIYEDEGILMITPAATAPELTARGYQLILRTTGLDSDQGPTAAKYILEKVKPQRIAIVHDKQQYGEGLARAVQD
GLKKGNANVVFFDGITAGEKDFSTLVARLKKENIDFVYYGGYHPEMGQILRQARAAGLKTQFMGPEGVANVSLSNIAGES
AEGLLVTKPKNYDQVPANKPIVDAIKAKKQDPSGAFVWTTYAALQSLQAGLNQSDDPAEIAKYLKANSVDTVMGPLTWDE
KGDLKGFEFGVFDWHANGTATDAK
;
_entity_poly.pdbx_strand_id   A
#
loop_
_chem_comp.id
_chem_comp.type
_chem_comp.name
_chem_comp.formula
CD non-polymer 'CADMIUM ION' 'Cd 2'
#
# COMPACT_ATOMS: atom_id res chain seq x y z
N GLU A 1 -5.70 -25.87 -19.79
CA GLU A 1 -6.66 -25.83 -18.64
C GLU A 1 -6.41 -24.57 -17.81
N ASP A 2 -7.12 -23.50 -18.14
CA ASP A 2 -6.98 -22.20 -17.49
C ASP A 2 -7.02 -22.21 -15.96
N ILE A 3 -6.12 -21.43 -15.38
CA ILE A 3 -6.02 -21.31 -13.92
C ILE A 3 -6.61 -19.96 -13.49
N LYS A 4 -7.67 -20.00 -12.69
CA LYS A 4 -8.28 -18.76 -12.26
C LYS A 4 -7.61 -18.20 -11.01
N VAL A 5 -7.37 -16.90 -11.01
CA VAL A 5 -6.82 -16.27 -9.81
C VAL A 5 -7.59 -14.98 -9.55
N ALA A 6 -8.08 -14.85 -8.31
CA ALA A 6 -8.85 -13.67 -7.93
C ALA A 6 -7.93 -12.47 -7.70
N VAL A 7 -8.31 -11.33 -8.26
CA VAL A 7 -7.54 -10.11 -8.05
C VAL A 7 -8.57 -9.23 -7.38
N VAL A 8 -8.32 -8.94 -6.10
CA VAL A 8 -9.25 -8.20 -5.24
C VAL A 8 -8.71 -6.86 -4.75
N GLY A 9 -9.52 -5.81 -4.86
CA GLY A 9 -9.11 -4.50 -4.39
C GLY A 9 -10.24 -3.47 -4.46
N ALA A 10 -9.93 -2.21 -4.18
CA ALA A 10 -10.94 -1.14 -4.24
C ALA A 10 -11.11 -0.70 -5.69
N MET A 11 -12.08 -1.32 -6.38
CA MET A 11 -12.32 -0.96 -7.78
C MET A 11 -13.29 0.20 -7.88
N SER A 12 -13.92 0.54 -6.78
CA SER A 12 -14.86 1.66 -6.76
C SER A 12 -14.68 2.34 -5.41
N GLY A 13 -15.44 3.42 -5.19
CA GLY A 13 -15.34 4.09 -3.91
C GLY A 13 -14.30 5.20 -3.87
N PRO A 14 -14.19 5.87 -2.72
CA PRO A 14 -13.23 6.97 -2.54
C PRO A 14 -11.77 6.67 -2.78
N VAL A 15 -11.40 5.41 -2.63
CA VAL A 15 -10.01 5.10 -2.80
C VAL A 15 -9.74 4.14 -3.95
N ALA A 16 -10.56 4.28 -4.99
CA ALA A 16 -10.48 3.47 -6.19
C ALA A 16 -9.12 3.59 -6.91
N GLN A 17 -8.36 4.65 -6.64
CA GLN A 17 -7.04 4.81 -7.26
C GLN A 17 -6.16 3.58 -6.92
N TYR A 18 -6.33 3.03 -5.73
CA TYR A 18 -5.51 1.88 -5.35
C TYR A 18 -5.86 0.68 -6.23
N GLY A 19 -7.14 0.46 -6.48
CA GLY A 19 -7.53 -0.66 -7.33
C GLY A 19 -7.07 -0.46 -8.78
N ASP A 20 -7.04 0.79 -9.23
CA ASP A 20 -6.59 1.05 -10.59
C ASP A 20 -5.15 0.61 -10.75
N GLN A 21 -4.32 0.96 -9.77
CA GLN A 21 -2.91 0.56 -9.81
C GLN A 21 -2.80 -0.97 -9.79
N GLU A 22 -3.51 -1.60 -8.88
CA GLU A 22 -3.45 -3.05 -8.75
C GLU A 22 -3.84 -3.76 -10.06
N PHE A 23 -4.99 -3.37 -10.61
CA PHE A 23 -5.44 -4.04 -11.81
C PHE A 23 -4.50 -3.78 -12.98
N THR A 24 -3.92 -2.59 -13.06
CA THR A 24 -2.97 -2.28 -14.12
C THR A 24 -1.79 -3.24 -14.06
N GLY A 25 -1.24 -3.43 -12.85
CA GLY A 25 -0.12 -4.33 -12.67
C GLY A 25 -0.48 -5.78 -12.94
N ALA A 26 -1.65 -6.19 -12.44
CA ALA A 26 -2.10 -7.56 -12.62
C ALA A 26 -2.33 -7.90 -14.09
N GLU A 27 -3.02 -7.02 -14.81
CA GLU A 27 -3.29 -7.29 -16.22
C GLU A 27 -2.02 -7.46 -17.04
N GLN A 28 -1.07 -6.58 -16.84
CA GLN A 28 0.18 -6.65 -17.59
C GLN A 28 0.98 -7.91 -17.22
N ALA A 29 0.99 -8.25 -15.93
CA ALA A 29 1.74 -9.43 -15.50
C ALA A 29 1.14 -10.68 -16.15
N VAL A 30 -0.17 -10.76 -16.13
CA VAL A 30 -0.83 -11.92 -16.70
C VAL A 30 -0.58 -11.98 -18.20
N ALA A 31 -0.63 -10.83 -18.86
CA ALA A 31 -0.37 -10.81 -20.30
C ALA A 31 1.05 -11.31 -20.58
N ASP A 32 2.02 -10.82 -19.81
CA ASP A 32 3.42 -11.22 -19.98
C ASP A 32 3.66 -12.71 -19.69
N ILE A 33 3.07 -13.22 -18.61
CA ILE A 33 3.22 -14.62 -18.23
C ILE A 33 2.57 -15.54 -19.27
N ASN A 34 1.40 -15.14 -19.77
CA ASN A 34 0.71 -15.96 -20.77
C ASN A 34 1.46 -15.91 -22.09
N ALA A 35 2.06 -14.77 -22.42
CA ALA A 35 2.81 -14.62 -23.67
C ALA A 35 3.95 -15.63 -23.75
N LYS A 36 4.50 -16.00 -22.60
CA LYS A 36 5.62 -16.93 -22.58
C LYS A 36 5.20 -18.34 -22.26
N GLY A 37 3.93 -18.66 -22.52
CA GLY A 37 3.44 -20.01 -22.30
C GLY A 37 2.65 -20.35 -21.05
N GLY A 38 2.33 -19.35 -20.23
CA GLY A 38 1.57 -19.63 -19.02
C GLY A 38 2.32 -20.53 -18.07
N ILE A 39 1.58 -21.35 -17.32
CA ILE A 39 2.20 -22.26 -16.39
C ILE A 39 2.11 -23.65 -17.00
N LYS A 40 3.24 -24.22 -17.40
CA LYS A 40 3.23 -25.55 -18.01
C LYS A 40 2.16 -25.62 -19.10
N GLY A 41 2.05 -24.57 -19.90
CA GLY A 41 1.06 -24.57 -20.96
C GLY A 41 -0.28 -23.94 -20.59
N ASN A 42 -0.64 -23.98 -19.30
CA ASN A 42 -1.90 -23.41 -18.83
C ASN A 42 -1.85 -21.89 -18.61
N LYS A 43 -2.87 -21.20 -19.08
CA LYS A 43 -2.91 -19.75 -18.96
C LYS A 43 -3.59 -19.32 -17.68
N LEU A 44 -3.18 -18.14 -17.20
CA LEU A 44 -3.75 -17.55 -16.01
C LEU A 44 -4.92 -16.71 -16.49
N GLN A 45 -6.01 -16.71 -15.73
CA GLN A 45 -7.19 -15.91 -16.05
C GLN A 45 -7.49 -15.08 -14.80
N ILE A 46 -7.55 -13.77 -14.95
CA ILE A 46 -7.86 -12.89 -13.81
C ILE A 46 -9.37 -12.83 -13.59
N VAL A 47 -9.79 -12.92 -12.33
CA VAL A 47 -11.19 -12.79 -11.99
C VAL A 47 -11.17 -11.61 -11.01
N LYS A 48 -11.78 -10.52 -11.45
CA LYS A 48 -11.83 -9.26 -10.70
C LYS A 48 -12.94 -9.19 -9.66
N TYR A 49 -12.60 -8.72 -8.46
CA TYR A 49 -13.55 -8.55 -7.36
C TYR A 49 -13.32 -7.17 -6.71
N ASP A 50 -14.40 -6.45 -6.45
CA ASP A 50 -14.32 -5.13 -5.83
C ASP A 50 -14.71 -5.21 -4.36
N ASP A 51 -13.81 -4.83 -3.44
CA ASP A 51 -14.19 -4.81 -2.01
C ASP A 51 -14.30 -3.36 -1.53
N ALA A 52 -14.05 -2.42 -2.45
CA ALA A 52 -14.11 -0.96 -2.20
C ALA A 52 -13.35 -0.54 -0.94
N CYS A 53 -12.38 -1.34 -0.52
CA CYS A 53 -11.64 -1.07 0.73
C CYS A 53 -12.61 -0.88 1.89
N ASP A 54 -13.71 -1.62 1.86
CA ASP A 54 -14.70 -1.57 2.92
C ASP A 54 -14.72 -2.94 3.61
N PRO A 55 -14.51 -2.97 4.94
CA PRO A 55 -14.49 -4.25 5.67
C PRO A 55 -15.70 -5.16 5.47
N LYS A 56 -16.90 -4.61 5.43
CA LYS A 56 -18.09 -5.41 5.25
C LYS A 56 -18.13 -6.02 3.85
N GLN A 57 -17.80 -5.21 2.85
CA GLN A 57 -17.81 -5.69 1.48
C GLN A 57 -16.68 -6.72 1.31
N ALA A 58 -15.59 -6.54 2.03
CA ALA A 58 -14.45 -7.47 1.93
C ALA A 58 -14.83 -8.90 2.36
N VAL A 59 -15.68 -9.00 3.37
CA VAL A 59 -16.13 -10.29 3.85
C VAL A 59 -17.07 -10.91 2.81
N ALA A 60 -17.94 -10.09 2.23
CA ALA A 60 -18.85 -10.58 1.22
C ALA A 60 -18.02 -11.10 0.04
N VAL A 61 -16.95 -10.39 -0.29
CA VAL A 61 -16.10 -10.81 -1.39
C VAL A 61 -15.38 -12.10 -1.06
N ALA A 62 -14.82 -12.20 0.14
CA ALA A 62 -14.08 -13.41 0.50
C ALA A 62 -14.99 -14.63 0.43
N ASN A 63 -16.21 -14.52 0.93
CA ASN A 63 -17.11 -15.66 0.88
C ASN A 63 -17.44 -15.99 -0.58
N LYS A 64 -17.52 -14.98 -1.44
CA LYS A 64 -17.81 -15.26 -2.84
C LYS A 64 -16.65 -16.02 -3.49
N VAL A 65 -15.41 -15.58 -3.26
CA VAL A 65 -14.27 -16.26 -3.86
C VAL A 65 -14.27 -17.73 -3.44
N VAL A 66 -14.58 -17.99 -2.18
CA VAL A 66 -14.65 -19.38 -1.68
C VAL A 66 -15.71 -20.14 -2.48
N ASN A 67 -16.88 -19.54 -2.60
CA ASN A 67 -17.98 -20.14 -3.34
C ASN A 67 -17.67 -20.37 -4.81
N ASP A 68 -16.91 -19.45 -5.39
CA ASP A 68 -16.53 -19.55 -6.80
C ASP A 68 -15.45 -20.61 -7.03
N GLY A 69 -14.96 -21.21 -5.94
CA GLY A 69 -13.95 -22.24 -6.08
C GLY A 69 -12.55 -21.77 -6.46
N ILE A 70 -12.28 -20.49 -6.27
CA ILE A 70 -10.97 -19.97 -6.60
C ILE A 70 -10.02 -20.26 -5.42
N LYS A 71 -8.81 -20.69 -5.74
CA LYS A 71 -7.85 -21.07 -4.72
C LYS A 71 -6.68 -20.11 -4.46
N TYR A 72 -6.54 -19.09 -5.29
CA TYR A 72 -5.43 -18.13 -5.14
C TYR A 72 -5.97 -16.73 -5.23
N VAL A 73 -5.60 -15.91 -4.25
CA VAL A 73 -6.07 -14.54 -4.19
C VAL A 73 -4.91 -13.56 -4.18
N ILE A 74 -4.96 -12.61 -5.10
CA ILE A 74 -3.96 -11.55 -5.14
C ILE A 74 -4.76 -10.39 -4.60
N GLY A 75 -4.51 -9.93 -3.30
CA GLY A 75 -5.24 -8.86 -2.65
C GLY A 75 -5.25 -9.20 -1.18
N HIS A 76 -6.14 -8.62 -0.38
CA HIS A 76 -6.84 -7.39 -0.77
C HIS A 76 -5.86 -6.22 -0.61
N LEU A 77 -6.35 -4.98 -0.50
CA LEU A 77 -5.44 -3.85 -0.42
C LEU A 77 -5.36 -3.13 0.90
N CYS A 78 -6.49 -2.62 1.38
CA CYS A 78 -6.51 -1.95 2.67
C CYS A 78 -6.42 -2.94 3.82
N SER A 79 -5.70 -2.58 4.88
CA SER A 79 -5.54 -3.50 5.99
C SER A 79 -6.86 -3.90 6.65
N SER A 80 -7.76 -2.94 6.87
CA SER A 80 -9.01 -3.28 7.53
C SER A 80 -9.92 -4.14 6.68
N SER A 81 -9.66 -4.18 5.37
CA SER A 81 -10.43 -5.04 4.45
C SER A 81 -9.72 -6.39 4.31
N THR A 82 -8.40 -6.35 4.29
CA THR A 82 -7.59 -7.57 4.12
C THR A 82 -7.63 -8.48 5.35
N GLN A 83 -7.62 -7.88 6.54
CA GLN A 83 -7.63 -8.72 7.75
C GLN A 83 -8.86 -9.65 7.88
N PRO A 84 -10.08 -9.11 7.87
CA PRO A 84 -11.21 -10.05 7.99
C PRO A 84 -11.29 -11.07 6.84
N ALA A 85 -10.84 -10.68 5.65
CA ALA A 85 -10.87 -11.62 4.54
C ALA A 85 -9.84 -12.72 4.76
N SER A 86 -8.65 -12.36 5.25
CA SER A 86 -7.61 -13.36 5.49
C SER A 86 -8.09 -14.45 6.44
N ASP A 87 -8.93 -14.07 7.40
CA ASP A 87 -9.47 -15.05 8.36
C ASP A 87 -10.22 -16.16 7.61
N ILE A 88 -11.03 -15.75 6.66
CA ILE A 88 -11.80 -16.69 5.86
C ILE A 88 -10.91 -17.54 4.97
N TYR A 89 -9.98 -16.92 4.26
CA TYR A 89 -9.10 -17.64 3.36
C TYR A 89 -8.30 -18.69 4.09
N GLU A 90 -7.74 -18.32 5.25
CA GLU A 90 -6.93 -19.26 6.01
C GLU A 90 -7.77 -20.47 6.42
N ASP A 91 -8.99 -20.23 6.89
CA ASP A 91 -9.86 -21.34 7.32
C ASP A 91 -10.32 -22.21 6.15
N GLU A 92 -10.42 -21.61 4.96
CA GLU A 92 -10.87 -22.36 3.79
C GLU A 92 -9.74 -22.91 2.90
N GLY A 93 -8.50 -22.65 3.29
CA GLY A 93 -7.35 -23.14 2.54
C GLY A 93 -7.08 -22.44 1.21
N ILE A 94 -7.22 -21.11 1.21
CA ILE A 94 -7.01 -20.33 -0.01
C ILE A 94 -5.78 -19.48 0.20
N LEU A 95 -4.87 -19.49 -0.76
CA LEU A 95 -3.64 -18.72 -0.66
C LEU A 95 -3.98 -17.24 -0.90
N MET A 96 -3.42 -16.36 -0.08
CA MET A 96 -3.68 -14.93 -0.29
C MET A 96 -2.37 -14.17 -0.23
N ILE A 97 -2.04 -13.50 -1.32
CA ILE A 97 -0.81 -12.69 -1.35
C ILE A 97 -1.27 -11.25 -1.51
N THR A 98 -1.07 -10.42 -0.48
CA THR A 98 -1.46 -9.02 -0.56
C THR A 98 -0.31 -8.13 -1.07
N PRO A 99 -0.59 -7.34 -2.09
CA PRO A 99 0.45 -6.45 -2.64
C PRO A 99 0.43 -5.09 -1.97
N ALA A 100 -0.43 -4.88 -0.98
CA ALA A 100 -0.49 -3.54 -0.36
C ALA A 100 -0.80 -3.40 1.12
N ALA A 101 -1.40 -4.40 1.76
CA ALA A 101 -1.74 -4.27 3.19
C ALA A 101 -0.49 -4.30 4.01
N THR A 102 -0.32 -3.27 4.83
CA THR A 102 0.88 -3.09 5.65
C THR A 102 0.79 -3.23 7.17
N ALA A 103 -0.42 -3.38 7.72
CA ALA A 103 -0.55 -3.49 9.17
C ALA A 103 0.12 -4.77 9.61
N PRO A 104 0.99 -4.69 10.64
CA PRO A 104 1.73 -5.85 11.15
C PRO A 104 0.91 -7.04 11.62
N GLU A 105 -0.23 -6.79 12.25
CA GLU A 105 -1.05 -7.85 12.81
C GLU A 105 -1.45 -8.92 11.80
N LEU A 106 -1.56 -8.56 10.53
CA LEU A 106 -2.00 -9.53 9.55
C LEU A 106 -1.16 -10.78 9.54
N THR A 107 0.14 -10.62 9.75
CA THR A 107 1.03 -11.77 9.73
C THR A 107 1.55 -12.18 11.10
N ALA A 108 0.91 -11.71 12.16
CA ALA A 108 1.36 -12.05 13.50
C ALA A 108 0.43 -13.05 14.20
N ARG A 109 -0.45 -13.70 13.45
CA ARG A 109 -1.40 -14.62 14.05
C ARG A 109 -1.20 -16.10 13.74
N GLY A 110 -0.02 -16.46 13.27
CA GLY A 110 0.28 -17.87 12.97
C GLY A 110 -0.28 -18.42 11.66
N TYR A 111 -0.88 -17.57 10.83
CA TYR A 111 -1.46 -18.03 9.56
C TYR A 111 -0.39 -18.57 8.64
N GLN A 112 -0.73 -19.60 7.87
CA GLN A 112 0.23 -20.23 6.98
C GLN A 112 0.03 -19.94 5.50
N LEU A 113 -1.13 -19.39 5.15
CA LEU A 113 -1.45 -19.14 3.74
C LEU A 113 -1.45 -17.68 3.32
N ILE A 114 -0.81 -16.82 4.12
CA ILE A 114 -0.75 -15.40 3.79
C ILE A 114 0.68 -14.91 3.58
N LEU A 115 0.89 -14.17 2.49
CA LEU A 115 2.18 -13.59 2.20
C LEU A 115 1.92 -12.17 1.72
N ARG A 116 2.96 -11.36 1.67
CA ARG A 116 2.81 -9.99 1.20
C ARG A 116 3.93 -9.69 0.20
N THR A 117 3.69 -8.73 -0.68
CA THR A 117 4.73 -8.28 -1.57
C THR A 117 4.93 -6.80 -1.26
N THR A 118 4.64 -6.40 -0.02
CA THR A 118 4.93 -5.04 0.40
C THR A 118 5.50 -5.15 1.80
N GLY A 119 5.91 -4.03 2.39
CA GLY A 119 6.47 -4.04 3.73
C GLY A 119 5.49 -3.96 4.88
N LEU A 120 6.04 -3.66 6.07
CA LEU A 120 5.29 -3.56 7.32
C LEU A 120 5.30 -2.16 7.92
N ASP A 121 4.19 -1.77 8.54
CA ASP A 121 4.13 -0.46 9.15
C ASP A 121 4.99 -0.40 10.42
N SER A 122 5.39 -1.57 10.94
CA SER A 122 6.28 -1.59 12.09
C SER A 122 7.68 -1.11 11.60
N ASP A 123 7.85 -0.98 10.29
CA ASP A 123 9.09 -0.44 9.72
C ASP A 123 8.78 0.95 9.12
N GLN A 124 7.64 1.09 8.43
CA GLN A 124 7.30 2.39 7.84
C GLN A 124 7.17 3.49 8.89
N GLY A 125 6.53 3.18 10.02
CA GLY A 125 6.37 4.17 11.07
C GLY A 125 7.71 4.63 11.62
N PRO A 126 8.55 3.69 12.10
CA PRO A 126 9.86 4.05 12.64
C PRO A 126 10.71 4.79 11.61
N THR A 127 10.54 4.48 10.33
CA THR A 127 11.32 5.16 9.30
C THR A 127 10.94 6.66 9.23
N ALA A 128 9.65 6.94 9.38
CA ALA A 128 9.18 8.31 9.37
C ALA A 128 9.66 9.05 10.63
N ALA A 129 9.53 8.40 11.79
CA ALA A 129 9.93 9.02 13.03
C ALA A 129 11.43 9.34 13.00
N LYS A 130 12.24 8.39 12.56
CA LYS A 130 13.67 8.60 12.48
C LYS A 130 14.01 9.81 11.60
N TYR A 131 13.36 9.91 10.45
CA TYR A 131 13.64 11.02 9.55
C TYR A 131 13.24 12.34 10.18
N ILE A 132 12.11 12.36 10.88
CA ILE A 132 11.63 13.57 11.54
C ILE A 132 12.63 14.01 12.62
N LEU A 133 13.12 13.04 13.40
CA LEU A 133 14.05 13.31 14.49
C LEU A 133 15.44 13.70 14.02
N GLU A 134 15.94 13.07 12.97
CA GLU A 134 17.28 13.32 12.49
C GLU A 134 17.46 14.38 11.41
N LYS A 135 16.44 14.56 10.59
CA LYS A 135 16.53 15.52 9.49
C LYS A 135 15.67 16.76 9.60
N VAL A 136 14.43 16.60 10.03
CA VAL A 136 13.53 17.73 10.09
C VAL A 136 13.71 18.57 11.33
N LYS A 137 13.73 17.90 12.47
CA LYS A 137 13.92 18.57 13.75
C LYS A 137 12.92 19.71 13.97
N PRO A 138 11.61 19.42 13.87
CA PRO A 138 10.57 20.43 14.07
C PRO A 138 10.44 20.80 15.54
N GLN A 139 9.78 21.93 15.82
CA GLN A 139 9.61 22.37 17.20
C GLN A 139 8.29 21.98 17.84
N ARG A 140 7.21 22.05 17.08
CA ARG A 140 5.88 21.74 17.60
C ARG A 140 5.12 20.84 16.64
N ILE A 141 5.08 19.56 17.00
CA ILE A 141 4.46 18.52 16.18
C ILE A 141 3.01 18.15 16.51
N ALA A 142 2.24 17.84 15.48
CA ALA A 142 0.88 17.38 15.67
C ALA A 142 0.78 16.10 14.84
N ILE A 143 0.08 15.11 15.37
CA ILE A 143 -0.08 13.84 14.66
C ILE A 143 -1.58 13.66 14.48
N VAL A 144 -1.99 13.42 13.24
CA VAL A 144 -3.40 13.28 12.93
C VAL A 144 -3.64 11.98 12.18
N HIS A 145 -4.82 11.39 12.34
CA HIS A 145 -5.13 10.13 11.67
C HIS A 145 -6.62 10.02 11.40
N ASP A 146 -7.02 9.06 10.57
CA ASP A 146 -8.43 8.92 10.21
C ASP A 146 -9.21 7.83 10.96
N LYS A 147 -8.66 7.40 12.09
CA LYS A 147 -9.33 6.41 12.93
C LYS A 147 -9.55 5.06 12.28
N GLN A 148 -8.82 4.76 11.21
CA GLN A 148 -8.94 3.45 10.55
C GLN A 148 -7.67 2.68 10.85
N GLN A 149 -7.74 1.35 10.75
CA GLN A 149 -6.62 0.49 11.10
C GLN A 149 -5.24 0.94 10.61
N TYR A 150 -5.12 1.15 9.30
CA TYR A 150 -3.85 1.57 8.73
C TYR A 150 -3.34 2.90 9.29
N GLY A 151 -4.16 3.93 9.16
CA GLY A 151 -3.75 5.26 9.60
C GLY A 151 -3.48 5.42 11.08
N GLU A 152 -4.35 4.88 11.93
CA GLU A 152 -4.15 5.05 13.37
C GLU A 152 -2.99 4.18 13.85
N GLY A 153 -2.76 3.07 13.14
CA GLY A 153 -1.64 2.18 13.48
C GLY A 153 -0.34 2.96 13.27
N LEU A 154 -0.18 3.53 12.07
CA LEU A 154 1.02 4.32 11.77
C LEU A 154 1.17 5.53 12.70
N ALA A 155 0.08 6.26 12.95
CA ALA A 155 0.13 7.44 13.80
C ALA A 155 0.66 7.10 15.20
N ARG A 156 0.15 6.02 15.79
CA ARG A 156 0.62 5.61 17.12
C ARG A 156 2.10 5.21 17.09
N ALA A 157 2.55 4.58 16.00
CA ALA A 157 3.96 4.15 15.90
C ALA A 157 4.86 5.36 15.83
N VAL A 158 4.47 6.33 15.01
CA VAL A 158 5.26 7.55 14.88
C VAL A 158 5.24 8.27 16.23
N GLN A 159 4.07 8.35 16.86
CA GLN A 159 3.97 9.00 18.17
C GLN A 159 4.94 8.36 19.15
N ASP A 160 4.97 7.03 19.15
CA ASP A 160 5.85 6.30 20.03
C ASP A 160 7.31 6.63 19.75
N GLY A 161 7.69 6.61 18.48
CA GLY A 161 9.06 6.92 18.10
C GLY A 161 9.47 8.33 18.50
N LEU A 162 8.59 9.30 18.27
CA LEU A 162 8.91 10.68 18.63
C LEU A 162 9.01 10.85 20.15
N LYS A 163 8.13 10.18 20.89
CA LYS A 163 8.16 10.28 22.34
C LYS A 163 9.49 9.72 22.87
N LYS A 164 9.90 8.56 22.35
CA LYS A 164 11.16 7.94 22.79
C LYS A 164 12.35 8.85 22.48
N GLY A 165 12.22 9.67 21.43
CA GLY A 165 13.28 10.58 21.05
C GLY A 165 13.14 11.96 21.70
N ASN A 166 12.24 12.07 22.67
CA ASN A 166 11.98 13.32 23.38
C ASN A 166 11.59 14.51 22.47
N ALA A 167 10.84 14.23 21.40
CA ALA A 167 10.38 15.30 20.50
C ALA A 167 9.15 15.92 21.15
N ASN A 168 8.79 17.12 20.73
CA ASN A 168 7.65 17.81 21.31
C ASN A 168 6.36 17.65 20.50
N VAL A 169 5.55 16.66 20.87
CA VAL A 169 4.29 16.39 20.21
C VAL A 169 3.22 17.12 20.99
N VAL A 170 2.69 18.19 20.40
CA VAL A 170 1.68 19.02 21.05
C VAL A 170 0.32 18.34 21.18
N PHE A 171 -0.19 17.76 20.10
CA PHE A 171 -1.45 17.05 20.24
C PHE A 171 -1.52 15.91 19.23
N PHE A 172 -2.40 14.97 19.51
CA PHE A 172 -2.62 13.80 18.69
C PHE A 172 -4.15 13.73 18.59
N ASP A 173 -4.68 13.60 17.38
CA ASP A 173 -6.12 13.56 17.23
C ASP A 173 -6.49 12.86 15.93
N GLY A 174 -7.75 12.41 15.87
CA GLY A 174 -8.23 11.74 14.68
C GLY A 174 -9.39 12.50 14.07
N ILE A 175 -9.55 12.35 12.76
CA ILE A 175 -10.64 13.00 12.02
C ILE A 175 -11.45 11.87 11.39
N THR A 176 -12.60 12.17 10.83
CA THR A 176 -13.43 11.13 10.21
C THR A 176 -13.24 11.13 8.70
N ALA A 177 -13.00 9.77 8.27
CA ALA A 177 -12.81 9.52 6.84
C ALA A 177 -14.07 9.94 6.10
N GLY A 178 -13.88 10.63 4.98
CA GLY A 178 -15.01 11.08 4.19
C GLY A 178 -15.33 12.55 4.45
N GLU A 179 -14.79 13.10 5.53
CA GLU A 179 -15.05 14.50 5.86
C GLU A 179 -14.35 15.40 4.85
N LYS A 180 -15.02 16.49 4.46
CA LYS A 180 -14.44 17.42 3.50
C LYS A 180 -14.05 18.77 4.10
N ASP A 181 -14.59 19.09 5.26
CA ASP A 181 -14.28 20.35 5.91
C ASP A 181 -13.34 20.16 7.09
N PHE A 182 -12.12 20.70 6.99
CA PHE A 182 -11.15 20.58 8.08
C PHE A 182 -10.79 21.93 8.69
N SER A 183 -11.74 22.86 8.62
CA SER A 183 -11.53 24.21 9.16
C SER A 183 -11.16 24.18 10.64
N THR A 184 -11.80 23.32 11.41
CA THR A 184 -11.49 23.21 12.84
C THR A 184 -10.05 22.75 13.02
N LEU A 185 -9.62 21.77 12.24
CA LEU A 185 -8.26 21.27 12.37
C LEU A 185 -7.23 22.34 12.01
N VAL A 186 -7.40 22.95 10.84
CA VAL A 186 -6.45 24.00 10.44
C VAL A 186 -6.40 25.14 11.46
N ALA A 187 -7.54 25.44 12.08
CA ALA A 187 -7.59 26.52 13.06
C ALA A 187 -6.78 26.11 14.27
N ARG A 188 -6.89 24.85 14.65
CA ARG A 188 -6.15 24.34 15.79
C ARG A 188 -4.65 24.37 15.48
N LEU A 189 -4.29 24.07 14.24
CA LEU A 189 -2.89 24.09 13.84
C LEU A 189 -2.34 25.50 13.92
N LYS A 190 -3.17 26.46 13.54
CA LYS A 190 -2.76 27.86 13.54
C LYS A 190 -2.65 28.37 14.97
N LYS A 191 -3.66 28.10 15.77
CA LYS A 191 -3.67 28.54 17.16
C LYS A 191 -2.48 27.97 17.91
N GLU A 192 -2.19 26.71 17.64
CA GLU A 192 -1.09 26.02 18.29
C GLU A 192 0.29 26.28 17.69
N ASN A 193 0.35 27.03 16.60
CA ASN A 193 1.64 27.34 16.01
C ASN A 193 2.39 26.04 15.60
N ILE A 194 1.66 25.09 15.01
CA ILE A 194 2.25 23.82 14.59
C ILE A 194 3.13 23.93 13.36
N ASP A 195 4.39 23.51 13.45
CA ASP A 195 5.28 23.59 12.29
C ASP A 195 5.41 22.27 11.50
N PHE A 196 4.91 21.17 12.05
CA PHE A 196 5.02 19.89 11.37
C PHE A 196 3.86 18.97 11.75
N VAL A 197 3.24 18.36 10.74
CA VAL A 197 2.14 17.43 10.96
C VAL A 197 2.40 16.09 10.26
N TYR A 198 2.25 15.00 11.01
CA TYR A 198 2.33 13.70 10.38
C TYR A 198 0.87 13.25 10.28
N TYR A 199 0.47 12.81 9.10
CA TYR A 199 -0.90 12.35 8.90
C TYR A 199 -0.89 10.88 8.53
N GLY A 200 -1.63 10.08 9.28
CA GLY A 200 -1.72 8.66 8.99
C GLY A 200 -3.07 8.39 8.39
N GLY A 201 -3.09 8.01 7.11
CA GLY A 201 -4.34 7.75 6.43
C GLY A 201 -4.15 7.69 4.92
N TYR A 202 -5.23 7.89 4.19
CA TYR A 202 -5.23 7.81 2.74
C TYR A 202 -5.32 9.19 2.05
N HIS A 203 -5.12 9.21 0.74
CA HIS A 203 -5.11 10.47 0.01
C HIS A 203 -6.33 11.39 0.00
N PRO A 204 -7.57 10.87 0.02
CA PRO A 204 -8.72 11.78 0.00
C PRO A 204 -8.70 12.83 1.13
N GLU A 205 -8.43 12.38 2.35
CA GLU A 205 -8.39 13.30 3.48
C GLU A 205 -7.14 14.14 3.44
N MET A 206 -6.00 13.51 3.19
CA MET A 206 -4.74 14.26 3.15
C MET A 206 -4.83 15.40 2.14
N GLY A 207 -5.42 15.12 0.99
CA GLY A 207 -5.53 16.15 -0.04
C GLY A 207 -6.32 17.37 0.40
N GLN A 208 -7.42 17.13 1.09
CA GLN A 208 -8.27 18.20 1.60
C GLN A 208 -7.54 18.99 2.68
N ILE A 209 -6.81 18.28 3.53
CA ILE A 209 -6.09 18.96 4.61
C ILE A 209 -5.02 19.88 4.05
N LEU A 210 -4.25 19.40 3.08
CA LEU A 210 -3.20 20.20 2.48
C LEU A 210 -3.76 21.44 1.79
N ARG A 211 -4.75 21.26 0.93
CA ARG A 211 -5.31 22.40 0.24
C ARG A 211 -5.91 23.42 1.21
N GLN A 212 -6.59 22.94 2.25
CA GLN A 212 -7.18 23.86 3.21
C GLN A 212 -6.16 24.54 4.12
N ALA A 213 -5.10 23.86 4.48
CA ALA A 213 -4.08 24.46 5.34
C ALA A 213 -3.37 25.59 4.59
N ARG A 214 -3.01 25.33 3.33
CA ARG A 214 -2.35 26.34 2.53
C ARG A 214 -3.25 27.53 2.25
N ALA A 215 -4.54 27.28 2.00
CA ALA A 215 -5.49 28.35 1.74
C ALA A 215 -5.55 29.29 2.93
N ALA A 216 -5.32 28.74 4.13
CA ALA A 216 -5.34 29.55 5.36
C ALA A 216 -3.98 30.16 5.67
N GLY A 217 -3.03 30.02 4.76
CA GLY A 217 -1.72 30.59 4.96
C GLY A 217 -0.72 29.84 5.83
N LEU A 218 -1.04 28.61 6.23
CA LEU A 218 -0.10 27.85 7.05
C LEU A 218 1.13 27.46 6.26
N LYS A 219 2.28 27.50 6.91
CA LYS A 219 3.54 27.15 6.28
C LYS A 219 4.00 25.80 6.83
N THR A 220 3.12 25.17 7.60
CA THR A 220 3.36 23.88 8.22
C THR A 220 3.86 22.83 7.25
N GLN A 221 4.83 22.03 7.69
CA GLN A 221 5.38 20.95 6.88
C GLN A 221 4.57 19.67 7.20
N PHE A 222 4.13 18.97 6.14
CA PHE A 222 3.35 17.75 6.33
C PHE A 222 4.11 16.52 5.87
N MET A 223 3.72 15.38 6.43
CA MET A 223 4.33 14.11 6.06
C MET A 223 3.23 13.05 6.15
N GLY A 224 3.28 12.11 5.22
CA GLY A 224 2.29 11.04 5.22
C GLY A 224 2.96 9.75 4.80
N PRO A 225 2.24 8.62 4.86
CA PRO A 225 2.76 7.31 4.49
C PRO A 225 2.50 6.98 3.01
N GLU A 226 2.85 5.77 2.58
CA GLU A 226 2.71 5.45 1.17
C GLU A 226 1.30 5.59 0.59
N GLY A 227 0.29 5.54 1.46
CA GLY A 227 -1.09 5.68 1.03
C GLY A 227 -1.45 7.05 0.48
N VAL A 228 -0.61 8.06 0.72
CA VAL A 228 -0.94 9.39 0.18
C VAL A 228 -0.05 9.74 -1.00
N ALA A 229 0.91 8.88 -1.30
CA ALA A 229 1.85 9.13 -2.39
C ALA A 229 1.35 8.58 -3.73
N ASN A 230 0.41 9.30 -4.34
CA ASN A 230 -0.12 8.89 -5.63
C ASN A 230 -0.72 10.09 -6.36
N VAL A 231 -0.96 9.92 -7.65
CA VAL A 231 -1.50 10.99 -8.46
C VAL A 231 -2.80 11.62 -7.98
N SER A 232 -3.68 10.84 -7.34
CA SER A 232 -4.95 11.40 -6.88
C SER A 232 -4.73 12.47 -5.82
N LEU A 233 -3.71 12.29 -5.00
CA LEU A 233 -3.36 13.28 -3.99
C LEU A 233 -3.07 14.60 -4.70
N SER A 234 -2.24 14.55 -5.74
CA SER A 234 -1.91 15.74 -6.51
C SER A 234 -3.15 16.32 -7.20
N ASN A 235 -4.04 15.47 -7.67
CA ASN A 235 -5.26 15.97 -8.32
C ASN A 235 -6.07 16.80 -7.34
N ILE A 236 -6.15 16.32 -6.11
CA ILE A 236 -6.94 17.01 -5.10
C ILE A 236 -6.28 18.25 -4.50
N ALA A 237 -5.02 18.13 -4.09
CA ALA A 237 -4.32 19.23 -3.45
C ALA A 237 -3.62 20.20 -4.39
N GLY A 238 -3.37 19.76 -5.62
CA GLY A 238 -2.70 20.60 -6.59
C GLY A 238 -1.38 21.12 -6.05
N GLU A 239 -1.19 22.43 -6.19
CA GLU A 239 0.02 23.13 -5.76
C GLU A 239 0.34 22.88 -4.30
N SER A 240 -0.70 22.79 -3.48
CA SER A 240 -0.55 22.55 -2.05
C SER A 240 0.18 21.25 -1.72
N ALA A 241 0.42 20.42 -2.73
CA ALA A 241 1.11 19.15 -2.52
C ALA A 241 2.65 19.26 -2.58
N GLU A 242 3.20 20.27 -3.27
CA GLU A 242 4.67 20.36 -3.37
C GLU A 242 5.26 20.57 -1.97
N GLY A 243 6.34 19.87 -1.69
CA GLY A 243 6.98 19.98 -0.38
C GLY A 243 6.50 18.92 0.61
N LEU A 244 5.50 18.14 0.23
CA LEU A 244 5.00 17.08 1.09
C LEU A 244 6.06 15.98 1.21
N LEU A 245 6.29 15.48 2.42
CA LEU A 245 7.24 14.39 2.62
C LEU A 245 6.43 13.09 2.72
N VAL A 246 6.90 12.03 2.07
CA VAL A 246 6.19 10.77 2.16
C VAL A 246 7.17 9.62 2.30
N THR A 247 6.69 8.52 2.86
CA THR A 247 7.49 7.32 2.94
C THR A 247 6.78 6.45 1.92
N LYS A 248 7.55 5.69 1.15
CA LYS A 248 6.97 4.80 0.14
C LYS A 248 8.02 3.85 -0.41
N PRO A 249 7.59 2.83 -1.16
CA PRO A 249 8.51 1.85 -1.75
C PRO A 249 9.37 2.59 -2.76
N LYS A 250 10.45 1.95 -3.21
CA LYS A 250 11.34 2.57 -4.20
C LYS A 250 10.59 2.76 -5.51
N ASN A 251 11.10 3.63 -6.37
CA ASN A 251 10.48 3.86 -7.67
C ASN A 251 10.89 2.73 -8.60
N TYR A 252 10.12 1.63 -8.58
CA TYR A 252 10.45 0.47 -9.42
C TYR A 252 10.28 0.74 -10.91
N ASP A 253 9.44 1.72 -11.25
CA ASP A 253 9.21 2.05 -12.64
C ASP A 253 10.47 2.68 -13.27
N GLN A 254 11.41 3.10 -12.44
CA GLN A 254 12.61 3.72 -12.97
C GLN A 254 13.81 2.79 -13.06
N VAL A 255 13.68 1.54 -12.62
CA VAL A 255 14.85 0.68 -12.75
C VAL A 255 14.90 0.26 -14.21
N PRO A 256 16.08 0.41 -14.83
CA PRO A 256 16.23 0.06 -16.24
C PRO A 256 15.63 -1.25 -16.75
N ALA A 257 15.86 -2.34 -16.03
CA ALA A 257 15.34 -3.64 -16.42
C ALA A 257 13.80 -3.72 -16.53
N ASN A 258 13.10 -2.78 -15.92
CA ASN A 258 11.65 -2.78 -15.99
C ASN A 258 11.08 -1.90 -17.11
N LYS A 259 11.96 -1.30 -17.92
CA LYS A 259 11.49 -0.42 -19.00
C LYS A 259 10.49 -1.05 -19.98
N PRO A 260 10.69 -2.32 -20.37
CA PRO A 260 9.73 -2.94 -21.32
C PRO A 260 8.29 -2.97 -20.74
N ILE A 261 8.19 -3.15 -19.43
CA ILE A 261 6.91 -3.19 -18.76
C ILE A 261 6.33 -1.78 -18.73
N VAL A 262 7.16 -0.80 -18.40
CA VAL A 262 6.69 0.58 -18.39
C VAL A 262 6.13 0.97 -19.77
N ASP A 263 6.89 0.67 -20.83
CA ASP A 263 6.47 0.99 -22.19
C ASP A 263 5.15 0.31 -22.55
N ALA A 264 5.01 -0.97 -22.20
CA ALA A 264 3.78 -1.71 -22.49
C ALA A 264 2.57 -1.05 -21.84
N ILE A 265 2.71 -0.65 -20.58
CA ILE A 265 1.62 -0.01 -19.88
C ILE A 265 1.30 1.38 -20.46
N LYS A 266 2.33 2.15 -20.79
CA LYS A 266 2.11 3.48 -21.38
C LYS A 266 1.43 3.36 -22.76
N ALA A 267 1.77 2.30 -23.49
CA ALA A 267 1.18 2.08 -24.80
C ALA A 267 -0.34 1.88 -24.70
N LYS A 268 -0.81 1.40 -23.55
CA LYS A 268 -2.25 1.20 -23.33
C LYS A 268 -2.87 2.43 -22.69
N LYS A 269 -2.10 3.51 -22.61
CA LYS A 269 -2.52 4.76 -21.99
C LYS A 269 -2.88 4.59 -20.52
N GLN A 270 -2.15 3.70 -19.84
CA GLN A 270 -2.36 3.49 -18.42
C GLN A 270 -1.15 4.08 -17.71
N ASP A 271 -1.22 4.25 -16.39
CA ASP A 271 -0.11 4.85 -15.66
C ASP A 271 0.69 3.81 -14.93
N PRO A 272 1.98 3.68 -15.26
CA PRO A 272 2.87 2.70 -14.64
C PRO A 272 3.65 3.27 -13.45
N SER A 273 3.33 4.48 -13.03
CA SER A 273 4.09 5.10 -11.94
C SER A 273 3.73 4.72 -10.52
N GLY A 274 2.50 4.25 -10.30
CA GLY A 274 2.07 3.91 -8.95
C GLY A 274 2.76 2.71 -8.34
N ALA A 275 3.11 2.80 -7.06
CA ALA A 275 3.78 1.69 -6.40
C ALA A 275 3.05 0.35 -6.52
N PHE A 276 1.73 0.36 -6.42
CA PHE A 276 0.98 -0.89 -6.44
C PHE A 276 0.93 -1.60 -7.77
N VAL A 277 1.35 -0.90 -8.81
CA VAL A 277 1.45 -1.51 -10.12
C VAL A 277 2.53 -2.59 -9.96
N TRP A 278 3.64 -2.20 -9.33
CA TRP A 278 4.78 -3.09 -9.15
C TRP A 278 4.67 -4.16 -8.08
N THR A 279 4.09 -3.81 -6.92
CA THR A 279 3.94 -4.83 -5.89
C THR A 279 2.92 -5.88 -6.37
N THR A 280 1.97 -5.48 -7.21
CA THR A 280 0.97 -6.44 -7.70
C THR A 280 1.59 -7.31 -8.78
N TYR A 281 2.37 -6.70 -9.66
CA TYR A 281 3.05 -7.46 -10.72
C TYR A 281 3.95 -8.50 -10.02
N ALA A 282 4.70 -8.07 -9.01
CA ALA A 282 5.58 -9.00 -8.30
C ALA A 282 4.78 -10.12 -7.62
N ALA A 283 3.58 -9.81 -7.13
CA ALA A 283 2.77 -10.83 -6.49
C ALA A 283 2.40 -11.93 -7.52
N LEU A 284 2.10 -11.54 -8.75
CA LEU A 284 1.75 -12.53 -9.78
C LEU A 284 2.98 -13.36 -10.16
N GLN A 285 4.15 -12.75 -10.18
CA GLN A 285 5.38 -13.50 -10.48
C GLN A 285 5.66 -14.50 -9.38
N SER A 286 5.33 -14.13 -8.15
CA SER A 286 5.54 -15.02 -7.01
C SER A 286 4.59 -16.22 -7.11
N LEU A 287 3.32 -15.93 -7.43
CA LEU A 287 2.33 -16.99 -7.57
C LEU A 287 2.79 -17.90 -8.71
N GLN A 288 3.25 -17.30 -9.80
CA GLN A 288 3.74 -18.07 -10.94
C GLN A 288 4.84 -19.07 -10.51
N ALA A 289 5.83 -18.58 -9.77
CA ALA A 289 6.92 -19.45 -9.35
C ALA A 289 6.34 -20.61 -8.53
N GLY A 290 5.37 -20.30 -7.68
CA GLY A 290 4.75 -21.32 -6.87
C GLY A 290 3.96 -22.34 -7.68
N LEU A 291 3.18 -21.88 -8.64
CA LEU A 291 2.36 -22.78 -9.45
C LEU A 291 3.21 -23.71 -10.31
N ASN A 292 4.43 -23.29 -10.62
CA ASN A 292 5.30 -24.16 -11.40
C ASN A 292 5.69 -25.36 -10.55
N GLN A 293 5.55 -25.22 -9.24
CA GLN A 293 5.90 -26.30 -8.34
C GLN A 293 4.72 -27.15 -7.88
N SER A 294 3.58 -26.51 -7.60
CA SER A 294 2.44 -27.24 -7.10
C SER A 294 1.17 -26.42 -7.30
N ASP A 295 0.00 -27.05 -7.29
CA ASP A 295 -1.21 -26.27 -7.42
C ASP A 295 -1.91 -26.14 -6.06
N ASP A 296 -1.34 -26.78 -5.05
CA ASP A 296 -1.88 -26.77 -3.69
C ASP A 296 -1.41 -25.53 -2.92
N PRO A 297 -2.37 -24.70 -2.45
CA PRO A 297 -2.03 -23.49 -1.69
C PRO A 297 -0.98 -23.70 -0.60
N ALA A 298 -1.16 -24.69 0.26
CA ALA A 298 -0.21 -24.91 1.35
C ALA A 298 1.20 -25.20 0.83
N GLU A 299 1.29 -25.97 -0.24
CA GLU A 299 2.58 -26.29 -0.82
C GLU A 299 3.24 -25.07 -1.45
N ILE A 300 2.43 -24.21 -2.06
CA ILE A 300 2.97 -23.01 -2.67
C ILE A 300 3.54 -22.11 -1.57
N ALA A 301 2.78 -21.90 -0.50
CA ALA A 301 3.23 -21.08 0.60
C ALA A 301 4.58 -21.60 1.16
N LYS A 302 4.68 -22.91 1.33
CA LYS A 302 5.89 -23.53 1.85
C LYS A 302 7.05 -23.30 0.92
N TYR A 303 6.80 -23.47 -0.37
CA TYR A 303 7.83 -23.28 -1.37
C TYR A 303 8.34 -21.83 -1.38
N LEU A 304 7.44 -20.86 -1.29
CA LEU A 304 7.83 -19.45 -1.30
C LEU A 304 8.59 -19.05 -0.05
N LYS A 305 8.29 -19.69 1.07
CA LYS A 305 9.02 -19.36 2.27
C LYS A 305 10.42 -19.96 2.27
N ALA A 306 10.62 -21.00 1.46
CA ALA A 306 11.92 -21.67 1.38
C ALA A 306 12.81 -21.25 0.20
N ASN A 307 12.28 -20.44 -0.72
CA ASN A 307 13.02 -20.05 -1.92
C ASN A 307 12.74 -18.63 -2.33
N SER A 308 13.76 -17.95 -2.83
CA SER A 308 13.55 -16.57 -3.30
C SER A 308 12.92 -16.58 -4.69
N VAL A 309 12.24 -15.49 -5.04
CA VAL A 309 11.67 -15.35 -6.38
C VAL A 309 12.18 -14.03 -6.97
N ASP A 310 12.76 -14.07 -8.16
CA ASP A 310 13.25 -12.82 -8.75
C ASP A 310 12.05 -12.16 -9.41
N THR A 311 11.87 -10.86 -9.15
CA THR A 311 10.72 -10.15 -9.68
C THR A 311 11.09 -8.76 -10.13
N VAL A 312 10.08 -8.01 -10.54
CA VAL A 312 10.28 -6.62 -10.95
C VAL A 312 10.74 -5.77 -9.76
N MET A 313 10.60 -6.30 -8.54
CA MET A 313 11.02 -5.58 -7.33
C MET A 313 12.39 -6.10 -6.88
N GLY A 314 12.98 -6.94 -7.72
CA GLY A 314 14.25 -7.54 -7.37
C GLY A 314 13.96 -8.88 -6.70
N PRO A 315 14.98 -9.57 -6.22
CA PRO A 315 14.78 -10.86 -5.56
C PRO A 315 13.97 -10.71 -4.29
N LEU A 316 12.90 -11.48 -4.13
CA LEU A 316 12.08 -11.43 -2.94
C LEU A 316 12.33 -12.68 -2.09
N THR A 317 12.42 -12.51 -0.77
CA THR A 317 12.64 -13.62 0.15
C THR A 317 11.65 -13.39 1.30
N TRP A 318 10.93 -14.42 1.70
CA TRP A 318 9.95 -14.28 2.77
C TRP A 318 10.41 -14.98 4.04
N ASP A 319 9.96 -14.48 5.20
CA ASP A 319 10.27 -15.15 6.45
C ASP A 319 9.15 -16.17 6.70
N GLU A 320 9.17 -16.83 7.85
CA GLU A 320 8.19 -17.86 8.13
C GLU A 320 6.75 -17.37 8.32
N LYS A 321 6.57 -16.09 8.61
CA LYS A 321 5.20 -15.62 8.78
C LYS A 321 4.66 -14.99 7.50
N GLY A 322 5.42 -15.04 6.42
CA GLY A 322 4.94 -14.51 5.15
C GLY A 322 5.32 -13.07 4.83
N ASP A 323 6.27 -12.50 5.55
CA ASP A 323 6.70 -11.12 5.29
C ASP A 323 8.01 -11.06 4.54
N LEU A 324 8.20 -9.99 3.77
CA LEU A 324 9.42 -9.79 3.00
C LEU A 324 10.60 -9.47 3.90
N LYS A 325 11.74 -10.12 3.65
CA LYS A 325 12.92 -9.83 4.45
C LYS A 325 13.68 -8.71 3.76
N GLY A 326 14.16 -7.75 4.54
CA GLY A 326 14.93 -6.66 3.97
C GLY A 326 14.22 -5.62 3.11
N PHE A 327 12.91 -5.48 3.27
CA PHE A 327 12.18 -4.48 2.48
C PHE A 327 12.38 -3.11 3.15
N GLU A 328 12.53 -2.07 2.35
CA GLU A 328 12.73 -0.75 2.94
C GLU A 328 11.82 0.31 2.34
N PHE A 329 11.28 1.17 3.19
CA PHE A 329 10.48 2.26 2.69
C PHE A 329 11.47 3.40 2.62
N GLY A 330 11.42 4.18 1.55
CA GLY A 330 12.32 5.32 1.49
C GLY A 330 11.54 6.59 1.79
N VAL A 331 12.26 7.69 1.98
CA VAL A 331 11.64 8.97 2.24
C VAL A 331 11.82 9.78 0.96
N PHE A 332 10.74 10.39 0.51
CA PHE A 332 10.75 11.15 -0.74
C PHE A 332 10.03 12.47 -0.61
N ASP A 333 10.37 13.38 -1.51
CA ASP A 333 9.70 14.66 -1.60
C ASP A 333 8.61 14.41 -2.65
N TRP A 334 7.37 14.76 -2.35
CA TRP A 334 6.30 14.56 -3.33
C TRP A 334 6.10 15.88 -4.07
N HIS A 335 5.78 15.80 -5.37
CA HIS A 335 5.60 17.02 -6.17
C HIS A 335 4.20 17.12 -6.75
N ALA A 336 3.75 18.36 -6.99
CA ALA A 336 2.41 18.58 -7.54
C ALA A 336 2.15 17.83 -8.86
N ASN A 337 3.19 17.60 -9.66
CA ASN A 337 3.01 16.91 -10.93
C ASN A 337 2.89 15.39 -10.78
N GLY A 338 2.69 14.92 -9.56
CA GLY A 338 2.53 13.49 -9.33
C GLY A 338 3.78 12.63 -9.31
N THR A 339 4.95 13.24 -9.11
CA THR A 339 6.18 12.45 -9.05
C THR A 339 6.87 12.55 -7.69
N ALA A 340 7.84 11.66 -7.44
CA ALA A 340 8.55 11.63 -6.18
C ALA A 340 10.06 11.53 -6.35
N THR A 341 10.80 12.36 -5.61
CA THR A 341 12.25 12.35 -5.67
C THR A 341 12.83 12.10 -4.27
N ASP A 342 13.96 11.41 -4.22
CA ASP A 342 14.61 11.08 -2.95
C ASP A 342 14.80 12.29 -2.07
N ALA A 343 14.31 12.22 -0.83
CA ALA A 343 14.45 13.33 0.11
C ALA A 343 15.94 13.48 0.49
N LYS A 344 16.29 14.65 0.99
CA LYS A 344 17.67 14.95 1.38
C LYS A 344 18.00 14.54 2.80
CD CD B . -10.13 3.05 14.82
N LEU C . -0.94 0.13 3.10
CA LEU C . -2.39 0.47 3.18
C LEU C . -3.11 -0.39 4.22
O LEU C . -4.30 -0.10 4.49
CB LEU C . -3.08 0.26 1.80
CG LEU C . -2.52 0.96 0.57
CD1 LEU C . -3.41 0.61 -0.64
CD2 LEU C . -2.48 2.45 0.77
OXT LEU C . -2.48 -1.32 4.77
#